data_7S3Q
#
_entry.id   7S3Q
#
_entity_poly.entity_id   1
_entity_poly.type   'polypeptide(L)'
_entity_poly.pdbx_seq_one_letter_code
;GWTLNSAGYLLGKK(NH2)
;
_entity_poly.pdbx_strand_id   A
#
loop_
_chem_comp.id
_chem_comp.type
_chem_comp.name
_chem_comp.formula
NH2 non-polymer 'AMINO GROUP' 'H2 N'
#
# COMPACT_ATOMS: atom_id res chain seq x y z
N GLY A 1 -6.75 9.76 -2.89
CA GLY A 1 -6.22 9.92 -1.51
C GLY A 1 -5.21 8.85 -1.14
N TRP A 2 -5.58 8.00 -0.19
CA TRP A 2 -4.71 6.91 0.27
C TRP A 2 -5.45 5.57 0.21
N THR A 3 -4.77 4.55 -0.34
CA THR A 3 -5.34 3.22 -0.46
C THR A 3 -4.89 2.31 0.69
N LEU A 4 -5.62 1.20 0.88
CA LEU A 4 -5.34 0.26 1.96
C LEU A 4 -4.27 -0.78 1.60
N ASN A 5 -4.49 -1.45 0.49
CA ASN A 5 -3.58 -2.49 -0.02
C ASN A 5 -2.75 -2.01 -1.22
N SER A 6 -3.08 -0.84 -1.75
CA SER A 6 -2.38 -0.29 -2.91
C SER A 6 -1.36 0.78 -2.50
N ALA A 7 -1.43 1.24 -1.26
CA ALA A 7 -0.52 2.26 -0.74
C ALA A 7 0.54 1.68 0.19
N GLY A 8 0.10 0.81 1.12
CA GLY A 8 1.01 0.20 2.08
C GLY A 8 1.33 -1.26 1.79
N TYR A 9 0.76 -1.80 0.70
CA TYR A 9 0.98 -3.19 0.32
C TYR A 9 1.35 -3.31 -1.16
N LEU A 10 2.29 -4.24 -1.46
CA LEU A 10 2.78 -4.50 -2.83
C LEU A 10 3.58 -3.32 -3.43
N LEU A 11 3.72 -2.24 -2.64
CA LEU A 11 4.46 -1.05 -3.08
C LEU A 11 5.44 -0.58 -2.01
N GLY A 12 4.99 -0.60 -0.75
CA GLY A 12 5.83 -0.18 0.37
C GLY A 12 5.03 0.20 1.60
N LYS A 13 5.59 -0.09 2.78
CA LYS A 13 4.94 0.21 4.05
C LYS A 13 5.50 1.49 4.66
N LYS A 14 4.63 2.26 5.32
CA LYS A 14 5.02 3.52 5.96
C LYS A 14 5.22 3.32 7.47
N NH2 A 15 4.22 2.73 8.13
HN1 NH2 A 15 4.32 2.60 9.10
HN2 NH2 A 15 3.43 2.45 7.62
N GLY A 1 -12.49 -0.07 -3.57
CA GLY A 1 -11.46 1.00 -3.62
C GLY A 1 -10.09 0.50 -3.23
N TRP A 2 -9.12 0.66 -4.14
CA TRP A 2 -7.75 0.24 -3.91
C TRP A 2 -6.86 1.44 -3.53
N THR A 3 -6.66 1.60 -2.22
CA THR A 3 -5.84 2.70 -1.67
C THR A 3 -5.20 2.32 -0.35
N LEU A 4 -5.99 1.63 0.46
CA LEU A 4 -5.60 1.16 1.81
C LEU A 4 -4.49 0.10 1.76
N ASN A 5 -4.69 -0.90 0.92
CA ASN A 5 -3.73 -2.00 0.74
C ASN A 5 -2.82 -1.72 -0.46
N SER A 6 -3.06 -0.59 -1.13
CA SER A 6 -2.30 -0.17 -2.31
C SER A 6 -1.07 0.65 -1.92
N ALA A 7 -1.02 1.06 -0.64
CA ALA A 7 0.08 1.85 -0.10
C ALA A 7 1.01 1.00 0.77
N GLY A 8 0.40 0.08 1.53
CA GLY A 8 1.17 -0.80 2.41
C GLY A 8 1.58 -2.11 1.76
N TYR A 9 0.91 -2.48 0.66
CA TYR A 9 1.20 -3.72 -0.05
C TYR A 9 1.46 -3.46 -1.52
N LEU A 10 2.45 -4.19 -2.10
CA LEU A 10 2.86 -4.08 -3.51
C LEU A 10 3.49 -2.71 -3.85
N LEU A 11 3.67 -1.87 -2.82
CA LEU A 11 4.27 -0.54 -2.98
C LEU A 11 5.36 -0.30 -1.96
N GLY A 12 5.10 -0.68 -0.70
CA GLY A 12 6.07 -0.50 0.37
C GLY A 12 5.42 -0.53 1.74
N LYS A 13 6.09 -1.19 2.69
CA LYS A 13 5.59 -1.30 4.07
C LYS A 13 6.28 -0.30 4.99
N LYS A 14 7.61 -0.17 4.84
CA LYS A 14 8.40 0.76 5.65
C LYS A 14 9.27 1.65 4.76
N NH2 A 15 9.00 2.96 4.79
HN1 NH2 A 15 9.54 3.55 4.23
HN2 NH2 A 15 8.28 3.27 5.38
N GLY A 1 -7.00 8.99 -3.45
CA GLY A 1 -5.63 8.96 -4.01
C GLY A 1 -4.82 7.79 -3.51
N TRP A 2 -4.54 7.78 -2.19
CA TRP A 2 -3.77 6.72 -1.57
C TRP A 2 -4.70 5.72 -0.84
N THR A 3 -4.54 4.44 -1.17
CA THR A 3 -5.34 3.37 -0.57
C THR A 3 -4.63 2.75 0.64
N LEU A 4 -5.36 1.96 1.42
CA LEU A 4 -4.84 1.33 2.63
C LEU A 4 -4.12 0.00 2.34
N ASN A 5 -4.76 -0.84 1.56
CA ASN A 5 -4.23 -2.16 1.19
C ASN A 5 -3.70 -2.19 -0.24
N SER A 6 -4.32 -1.38 -1.11
CA SER A 6 -3.96 -1.32 -2.54
C SER A 6 -2.77 -0.42 -2.82
N ALA A 7 -2.43 0.44 -1.86
CA ALA A 7 -1.30 1.36 -2.01
C ALA A 7 -0.09 0.92 -1.18
N GLY A 8 -0.35 0.28 -0.05
CA GLY A 8 0.72 -0.19 0.83
C GLY A 8 1.22 -1.59 0.49
N TYR A 9 0.65 -2.21 -0.55
CA TYR A 9 1.06 -3.55 -0.96
C TYR A 9 2.15 -3.51 -2.06
N LEU A 10 2.57 -2.29 -2.43
CA LEU A 10 3.60 -2.10 -3.46
C LEU A 10 5.01 -2.11 -2.84
N LEU A 11 5.09 -2.31 -1.53
CA LEU A 11 6.37 -2.35 -0.81
C LEU A 11 6.47 -3.59 0.07
N GLY A 12 5.37 -3.93 0.76
CA GLY A 12 5.35 -5.09 1.63
C GLY A 12 4.23 -6.06 1.27
N LYS A 13 4.62 -7.25 0.80
CA LYS A 13 3.66 -8.29 0.41
C LYS A 13 3.53 -9.34 1.50
N LYS A 14 2.31 -9.88 1.66
CA LYS A 14 2.03 -10.90 2.66
C LYS A 14 1.99 -12.29 2.03
N NH2 A 15 2.92 -13.14 2.43
HN1 NH2 A 15 2.93 -14.04 2.03
HN2 NH2 A 15 3.56 -12.84 3.10
N GLY A 1 -7.71 9.05 -3.77
CA GLY A 1 -6.45 9.59 -3.20
C GLY A 1 -5.42 8.49 -2.94
N TRP A 2 -5.40 7.99 -1.70
CA TRP A 2 -4.48 6.93 -1.31
C TRP A 2 -5.23 5.77 -0.66
N THR A 3 -4.89 4.55 -1.06
CA THR A 3 -5.51 3.33 -0.54
C THR A 3 -4.70 2.76 0.62
N LEU A 4 -5.36 1.90 1.42
CA LEU A 4 -4.73 1.30 2.60
C LEU A 4 -4.01 -0.02 2.29
N ASN A 5 -4.70 -0.87 1.54
CA ASN A 5 -4.18 -2.19 1.15
C ASN A 5 -3.73 -2.22 -0.31
N SER A 6 -4.25 -1.29 -1.11
CA SER A 6 -3.94 -1.22 -2.54
C SER A 6 -2.74 -0.33 -2.84
N ALA A 7 -2.38 0.52 -1.88
CA ALA A 7 -1.24 1.44 -2.02
C ALA A 7 -0.04 0.96 -1.20
N GLY A 8 -0.31 0.33 -0.05
CA GLY A 8 0.74 -0.16 0.82
C GLY A 8 1.23 -1.56 0.50
N TYR A 9 0.64 -2.18 -0.53
CA TYR A 9 1.02 -3.54 -0.95
C TYR A 9 2.10 -3.52 -2.04
N LEU A 10 2.55 -2.31 -2.41
CA LEU A 10 3.60 -2.14 -3.44
C LEU A 10 4.99 -2.18 -2.83
N LEU A 11 5.06 -2.36 -1.50
CA LEU A 11 6.34 -2.41 -0.77
C LEU A 11 6.40 -3.64 0.13
N GLY A 12 5.29 -3.92 0.84
CA GLY A 12 5.22 -5.07 1.74
C GLY A 12 3.82 -5.61 1.88
N LYS A 13 3.72 -6.90 2.20
CA LYS A 13 2.43 -7.58 2.38
C LYS A 13 2.04 -7.67 3.86
N LYS A 14 3.03 -8.01 4.71
CA LYS A 14 2.81 -8.14 6.15
C LYS A 14 3.40 -6.94 6.90
N NH2 A 15 2.54 -6.15 7.53
HN1 NH2 A 15 2.89 -5.38 8.01
HN2 NH2 A 15 1.59 -6.38 7.50
N GLY A 1 -6.34 10.93 -1.25
CA GLY A 1 -6.79 9.58 -1.71
C GLY A 1 -5.77 8.50 -1.42
N TRP A 2 -5.80 7.97 -0.20
CA TRP A 2 -4.88 6.92 0.23
C TRP A 2 -5.55 5.55 0.18
N THR A 3 -4.83 4.56 -0.36
CA THR A 3 -5.34 3.20 -0.47
C THR A 3 -4.85 2.32 0.68
N LEU A 4 -5.55 1.20 0.91
CA LEU A 4 -5.23 0.27 2.00
C LEU A 4 -4.22 -0.80 1.60
N ASN A 5 -4.47 -1.43 0.47
CA ASN A 5 -3.61 -2.50 -0.06
C ASN A 5 -2.77 -2.03 -1.25
N SER A 6 -3.09 -0.84 -1.77
CA SER A 6 -2.38 -0.29 -2.93
C SER A 6 -1.35 0.76 -2.53
N ALA A 7 -1.41 1.22 -1.28
CA ALA A 7 -0.49 2.24 -0.77
C ALA A 7 0.56 1.63 0.18
N GLY A 8 0.10 0.80 1.12
CA GLY A 8 1.00 0.18 2.09
C GLY A 8 1.31 -1.27 1.79
N TYR A 9 0.74 -1.81 0.71
CA TYR A 9 0.96 -3.21 0.33
C TYR A 9 1.33 -3.32 -1.14
N LEU A 10 2.29 -4.23 -1.44
CA LEU A 10 2.81 -4.50 -2.81
C LEU A 10 3.59 -3.29 -3.39
N LEU A 11 3.66 -2.20 -2.63
CA LEU A 11 4.37 -0.99 -3.06
C LEU A 11 5.28 -0.46 -1.94
N GLY A 12 4.75 -0.45 -0.71
CA GLY A 12 5.52 0.04 0.44
C GLY A 12 5.89 -1.08 1.40
N LYS A 13 6.57 -2.10 0.87
CA LYS A 13 7.00 -3.25 1.67
C LYS A 13 8.48 -3.53 1.45
N LYS A 14 9.15 -3.98 2.51
CA LYS A 14 10.58 -4.30 2.46
C LYS A 14 10.81 -5.81 2.32
N NH2 A 15 10.17 -6.59 3.19
HN1 NH2 A 15 10.29 -7.55 3.12
HN2 NH2 A 15 9.59 -6.16 3.87
N GLY A 1 -6.82 9.61 -2.63
CA GLY A 1 -5.41 10.05 -2.48
C GLY A 1 -4.48 8.90 -2.11
N TRP A 2 -4.81 8.23 -1.00
CA TRP A 2 -4.01 7.10 -0.51
C TRP A 2 -4.91 5.88 -0.29
N THR A 3 -4.43 4.72 -0.75
CA THR A 3 -5.16 3.45 -0.61
C THR A 3 -4.70 2.69 0.64
N LEU A 4 -5.53 1.74 1.08
CA LEU A 4 -5.26 0.94 2.28
C LEU A 4 -4.44 -0.32 1.98
N ASN A 5 -4.89 -1.05 0.97
CA ASN A 5 -4.24 -2.30 0.56
C ASN A 5 -3.43 -2.15 -0.74
N SER A 6 -3.70 -1.06 -1.47
CA SER A 6 -3.02 -0.78 -2.74
C SER A 6 -1.80 0.11 -2.57
N ALA A 7 -1.71 0.78 -1.43
CA ALA A 7 -0.60 1.68 -1.12
C ALA A 7 0.37 1.06 -0.12
N GLY A 8 -0.18 0.35 0.87
CA GLY A 8 0.62 -0.30 1.90
C GLY A 8 1.12 -1.68 1.49
N TYR A 9 0.75 -2.13 0.29
CA TYR A 9 1.16 -3.44 -0.21
C TYR A 9 1.77 -3.33 -1.60
N LEU A 10 2.83 -4.14 -1.84
CA LEU A 10 3.58 -4.18 -3.12
C LEU A 10 4.32 -2.87 -3.43
N LEU A 11 4.32 -1.94 -2.46
CA LEU A 11 5.00 -0.65 -2.60
C LEU A 11 5.84 -0.32 -1.36
N GLY A 12 5.27 -0.57 -0.19
CA GLY A 12 5.97 -0.31 1.07
C GLY A 12 5.11 -0.59 2.28
N LYS A 13 5.66 -1.39 3.21
CA LYS A 13 4.96 -1.76 4.44
C LYS A 13 5.45 -0.93 5.62
N LYS A 14 4.52 -0.62 6.55
CA LYS A 14 4.81 0.18 7.76
C LYS A 14 5.33 1.59 7.42
N NH2 A 15 4.52 2.60 7.69
HN1 NH2 A 15 4.81 3.51 7.47
HN2 NH2 A 15 3.64 2.40 8.09
N GLY A 1 -6.62 9.58 -3.51
CA GLY A 1 -6.16 9.65 -2.09
C GLY A 1 -5.23 8.51 -1.73
N TRP A 2 -5.33 8.04 -0.49
CA TRP A 2 -4.48 6.96 0.00
C TRP A 2 -5.27 5.64 0.01
N THR A 3 -4.62 4.58 -0.49
CA THR A 3 -5.24 3.25 -0.55
C THR A 3 -4.80 2.38 0.63
N LEU A 4 -5.55 1.30 0.87
CA LEU A 4 -5.29 0.39 2.00
C LEU A 4 -4.24 -0.69 1.66
N ASN A 5 -4.49 -1.39 0.58
CA ASN A 5 -3.61 -2.47 0.11
C ASN A 5 -2.78 -2.07 -1.11
N SER A 6 -3.10 -0.93 -1.70
CA SER A 6 -2.40 -0.44 -2.89
C SER A 6 -1.34 0.61 -2.54
N ALA A 7 -1.41 1.14 -1.31
CA ALA A 7 -0.46 2.15 -0.84
C ALA A 7 0.54 1.56 0.14
N GLY A 8 0.06 0.70 1.05
CA GLY A 8 0.92 0.07 2.04
C GLY A 8 1.41 -1.31 1.63
N TYR A 9 0.62 -1.98 0.78
CA TYR A 9 0.98 -3.33 0.31
C TYR A 9 1.32 -3.33 -1.18
N LEU A 10 2.29 -4.19 -1.55
CA LEU A 10 2.77 -4.34 -2.95
C LEU A 10 3.45 -3.06 -3.48
N LEU A 11 3.77 -2.13 -2.57
CA LEU A 11 4.42 -0.88 -2.93
C LEU A 11 5.74 -0.70 -2.18
N GLY A 12 5.75 -1.04 -0.88
CA GLY A 12 6.94 -0.92 -0.07
C GLY A 12 6.78 -1.55 1.30
N LYS A 13 7.64 -2.54 1.59
CA LYS A 13 7.62 -3.24 2.87
C LYS A 13 9.01 -3.28 3.51
N LYS A 14 10.04 -3.54 2.68
CA LYS A 14 11.42 -3.61 3.15
C LYS A 14 12.25 -2.46 2.58
N NH2 A 15 12.20 -2.29 1.25
HN1 NH2 A 15 12.72 -1.56 0.87
HN2 NH2 A 15 11.63 -2.89 0.74
N GLY A 1 -6.29 11.21 -0.91
CA GLY A 1 -6.57 9.89 -1.54
C GLY A 1 -5.51 8.86 -1.24
N TRP A 2 -5.78 8.00 -0.25
CA TRP A 2 -4.85 6.95 0.16
C TRP A 2 -5.54 5.59 0.16
N THR A 3 -4.84 4.58 -0.38
CA THR A 3 -5.36 3.21 -0.45
C THR A 3 -4.84 2.36 0.71
N LEU A 4 -5.53 1.25 0.98
CA LEU A 4 -5.18 0.35 2.08
C LEU A 4 -4.18 -0.74 1.67
N ASN A 5 -4.49 -1.39 0.55
CA ASN A 5 -3.66 -2.47 0.01
C ASN A 5 -2.85 -2.04 -1.21
N SER A 6 -3.18 -0.87 -1.75
CA SER A 6 -2.51 -0.34 -2.94
C SER A 6 -1.45 0.71 -2.59
N ALA A 7 -1.49 1.20 -1.35
CA ALA A 7 -0.53 2.22 -0.89
C ALA A 7 0.52 1.61 0.05
N GLY A 8 0.07 0.77 0.98
CA GLY A 8 0.97 0.14 1.95
C GLY A 8 1.39 -1.26 1.57
N TYR A 9 0.63 -1.91 0.69
CA TYR A 9 0.93 -3.27 0.27
C TYR A 9 1.36 -3.34 -1.19
N LEU A 10 2.34 -4.23 -1.47
CA LEU A 10 2.90 -4.45 -2.83
C LEU A 10 3.69 -3.24 -3.35
N LEU A 11 3.79 -2.19 -2.53
CA LEU A 11 4.52 -0.97 -2.90
C LEU A 11 5.46 -0.52 -1.77
N GLY A 12 4.98 -0.61 -0.53
CA GLY A 12 5.78 -0.22 0.62
C GLY A 12 4.91 0.24 1.80
N LYS A 13 5.35 -0.10 3.02
CA LYS A 13 4.64 0.26 4.24
C LYS A 13 5.28 1.48 4.89
N LYS A 14 4.43 2.32 5.49
CA LYS A 14 4.89 3.55 6.17
C LYS A 14 4.34 3.61 7.60
N NH2 A 15 5.24 3.56 8.58
HN1 NH2 A 15 4.92 3.61 9.50
HN2 NH2 A 15 6.18 3.50 8.34
N GLY A 1 -4.20 11.25 -1.15
CA GLY A 1 -4.60 10.01 -1.88
C GLY A 1 -3.76 8.81 -1.47
N TRP A 2 -4.26 8.07 -0.47
CA TRP A 2 -3.57 6.89 0.05
C TRP A 2 -4.53 5.68 0.06
N THR A 3 -4.02 4.54 -0.41
CA THR A 3 -4.79 3.30 -0.45
C THR A 3 -4.43 2.40 0.73
N LEU A 4 -5.26 1.37 0.96
CA LEU A 4 -5.06 0.44 2.08
C LEU A 4 -4.15 -0.74 1.69
N ASN A 5 -4.49 -1.37 0.57
CA ASN A 5 -3.74 -2.52 0.07
C ASN A 5 -2.86 -2.17 -1.14
N SER A 6 -3.18 -1.05 -1.81
CA SER A 6 -2.45 -0.61 -3.00
C SER A 6 -1.32 0.36 -2.66
N ALA A 7 -1.43 1.00 -1.49
CA ALA A 7 -0.44 1.96 -1.03
C ALA A 7 0.46 1.38 0.07
N GLY A 8 -0.15 0.65 1.01
CA GLY A 8 0.58 0.04 2.12
C GLY A 8 1.09 -1.36 1.82
N TYR A 9 0.57 -1.97 0.74
CA TYR A 9 0.96 -3.31 0.34
C TYR A 9 1.33 -3.36 -1.13
N LEU A 10 2.41 -4.12 -1.45
CA LEU A 10 2.94 -4.27 -2.83
C LEU A 10 3.51 -2.96 -3.41
N LEU A 11 3.55 -1.91 -2.57
CA LEU A 11 4.08 -0.60 -2.97
C LEU A 11 5.07 -0.07 -1.94
N GLY A 12 4.71 -0.21 -0.65
CA GLY A 12 5.58 0.26 0.43
C GLY A 12 4.90 0.18 1.78
N LYS A 13 5.54 -0.52 2.71
CA LYS A 13 5.02 -0.69 4.07
C LYS A 13 5.71 0.27 5.04
N LYS A 14 4.93 0.83 5.96
CA LYS A 14 5.45 1.77 6.97
C LYS A 14 5.69 1.08 8.31
N NH2 A 15 4.68 0.35 8.79
HN1 NH2 A 15 4.82 -0.10 9.66
HN2 NH2 A 15 3.85 0.31 8.28
N GLY A 1 -6.89 8.99 -4.66
CA GLY A 1 -5.87 9.41 -3.66
C GLY A 1 -4.92 8.30 -3.27
N TRP A 2 -4.98 7.90 -2.00
CA TRP A 2 -4.13 6.83 -1.48
C TRP A 2 -4.97 5.75 -0.79
N THR A 3 -4.73 4.49 -1.15
CA THR A 3 -5.44 3.35 -0.56
C THR A 3 -4.69 2.76 0.63
N LEU A 4 -5.40 1.95 1.43
CA LEU A 4 -4.83 1.33 2.63
C LEU A 4 -4.10 0.02 2.34
N ASN A 5 -4.74 -0.83 1.55
CA ASN A 5 -4.20 -2.15 1.20
C ASN A 5 -3.69 -2.18 -0.26
N SER A 6 -4.30 -1.34 -1.11
CA SER A 6 -3.94 -1.28 -2.53
C SER A 6 -2.75 -0.36 -2.82
N ALA A 7 -2.40 0.48 -1.84
CA ALA A 7 -1.28 1.41 -2.00
C ALA A 7 -0.06 0.95 -1.19
N GLY A 8 -0.32 0.29 -0.05
CA GLY A 8 0.76 -0.19 0.82
C GLY A 8 1.25 -1.59 0.48
N TYR A 9 0.67 -2.20 -0.55
CA TYR A 9 1.05 -3.55 -0.99
C TYR A 9 2.15 -3.51 -2.08
N LEU A 10 2.58 -2.29 -2.44
CA LEU A 10 3.62 -2.11 -3.46
C LEU A 10 5.03 -2.14 -2.85
N LEU A 11 5.09 -2.35 -1.52
CA LEU A 11 6.36 -2.41 -0.80
C LEU A 11 6.62 -3.81 -0.24
N GLY A 12 5.58 -4.41 0.33
CA GLY A 12 5.69 -5.75 0.90
C GLY A 12 4.34 -6.43 1.07
N LYS A 13 4.34 -7.77 0.93
CA LYS A 13 3.11 -8.56 1.06
C LYS A 13 3.05 -9.22 2.43
N LYS A 14 1.88 -9.12 3.08
CA LYS A 14 1.65 -9.70 4.40
C LYS A 14 0.89 -11.02 4.28
N NH2 A 15 1.55 -12.11 4.68
HN1 NH2 A 15 1.09 -12.97 4.61
HN2 NH2 A 15 2.45 -12.00 5.03
N GLY A 1 -4.91 10.98 -1.89
CA GLY A 1 -5.23 9.79 -2.72
C GLY A 1 -4.44 8.57 -2.32
N TRP A 2 -4.50 8.22 -1.02
CA TRP A 2 -3.78 7.07 -0.48
C TRP A 2 -4.74 5.89 -0.30
N THR A 3 -4.31 4.71 -0.75
CA THR A 3 -5.10 3.49 -0.66
C THR A 3 -4.73 2.68 0.59
N LEU A 4 -5.62 1.77 0.99
CA LEU A 4 -5.45 0.95 2.19
C LEU A 4 -4.56 -0.27 1.95
N ASN A 5 -4.94 -1.07 0.97
CA ASN A 5 -4.22 -2.29 0.62
C ASN A 5 -3.40 -2.14 -0.68
N SER A 6 -3.66 -1.06 -1.42
CA SER A 6 -2.97 -0.80 -2.68
C SER A 6 -1.76 0.11 -2.51
N ALA A 7 -1.67 0.76 -1.35
CA ALA A 7 -0.56 1.68 -1.04
C ALA A 7 0.42 1.05 -0.06
N GLY A 8 -0.12 0.31 0.93
CA GLY A 8 0.71 -0.34 1.93
C GLY A 8 1.20 -1.72 1.52
N TYR A 9 0.80 -2.16 0.31
CA TYR A 9 1.20 -3.47 -0.19
C TYR A 9 1.78 -3.35 -1.60
N LEU A 10 2.85 -4.14 -1.86
CA LEU A 10 3.56 -4.18 -3.16
C LEU A 10 4.30 -2.86 -3.47
N LEU A 11 4.26 -1.92 -2.52
CA LEU A 11 4.92 -0.62 -2.68
C LEU A 11 5.69 -0.23 -1.41
N GLY A 12 5.08 -0.46 -0.25
CA GLY A 12 5.70 -0.14 1.02
C GLY A 12 4.74 -0.25 2.19
N LYS A 13 5.14 -1.04 3.20
CA LYS A 13 4.31 -1.25 4.40
C LYS A 13 5.03 -0.73 5.64
N LYS A 14 6.34 -1.02 5.75
CA LYS A 14 7.15 -0.59 6.89
C LYS A 14 8.42 0.11 6.43
N NH2 A 15 8.54 1.39 6.74
HN1 NH2 A 15 9.33 1.88 6.45
HN2 NH2 A 15 7.81 1.80 7.27
N GLY A 1 -4.44 10.52 -3.84
CA GLY A 1 -5.10 9.77 -2.75
C GLY A 1 -4.32 8.55 -2.32
N TRP A 2 -4.40 8.21 -1.03
CA TRP A 2 -3.70 7.06 -0.48
C TRP A 2 -4.67 5.88 -0.29
N THR A 3 -4.24 4.70 -0.75
CA THR A 3 -5.05 3.48 -0.65
C THR A 3 -4.68 2.67 0.60
N LEU A 4 -5.57 1.74 0.99
CA LEU A 4 -5.38 0.92 2.19
C LEU A 4 -4.50 -0.32 1.93
N ASN A 5 -4.90 -1.09 0.92
CA ASN A 5 -4.20 -2.32 0.54
C ASN A 5 -3.38 -2.16 -0.74
N SER A 6 -3.62 -1.05 -1.47
CA SER A 6 -2.91 -0.78 -2.72
C SER A 6 -1.70 0.13 -2.53
N ALA A 7 -1.63 0.78 -1.37
CA ALA A 7 -0.53 1.69 -1.04
C ALA A 7 0.44 1.06 -0.04
N GLY A 8 -0.12 0.32 0.93
CA GLY A 8 0.71 -0.33 1.95
C GLY A 8 1.19 -1.72 1.55
N TYR A 9 0.77 -2.17 0.35
CA TYR A 9 1.17 -3.49 -0.14
C TYR A 9 1.74 -3.39 -1.55
N LEU A 10 2.83 -4.15 -1.80
CA LEU A 10 3.54 -4.19 -3.11
C LEU A 10 4.25 -2.86 -3.43
N LEU A 11 4.11 -1.87 -2.54
CA LEU A 11 4.74 -0.55 -2.72
C LEU A 11 5.34 -0.05 -1.42
N GLY A 12 4.67 -0.31 -0.30
CA GLY A 12 5.15 0.12 1.02
C GLY A 12 5.97 -0.94 1.72
N LYS A 13 5.72 -1.11 3.04
CA LYS A 13 6.43 -2.08 3.90
C LYS A 13 7.93 -1.78 4.00
N LYS A 14 8.42 -1.65 5.23
CA LYS A 14 9.83 -1.37 5.50
C LYS A 14 10.51 -2.55 6.19
N NH2 A 15 9.91 -3.04 7.28
HN1 NH2 A 15 10.32 -3.80 7.74
HN2 NH2 A 15 9.06 -2.62 7.56
N GLY A 1 -6.62 9.52 -2.53
CA GLY A 1 -6.21 9.50 -1.10
C GLY A 1 -5.27 8.36 -0.78
N TRP A 2 -5.38 7.83 0.44
CA TRP A 2 -4.53 6.72 0.90
C TRP A 2 -5.31 5.40 0.82
N THR A 3 -4.67 4.39 0.22
CA THR A 3 -5.26 3.07 0.08
C THR A 3 -4.73 2.11 1.15
N LEU A 4 -5.44 0.99 1.34
CA LEU A 4 -5.08 0.00 2.36
C LEU A 4 -4.10 -1.05 1.84
N ASN A 5 -4.43 -1.62 0.69
CA ASN A 5 -3.61 -2.67 0.06
C ASN A 5 -2.83 -2.13 -1.14
N SER A 6 -3.17 -0.93 -1.59
CA SER A 6 -2.52 -0.32 -2.75
C SER A 6 -1.46 0.72 -2.37
N ALA A 7 -1.48 1.14 -1.10
CA ALA A 7 -0.53 2.14 -0.60
C ALA A 7 0.56 1.51 0.28
N GLY A 8 0.12 0.70 1.27
CA GLY A 8 1.06 0.06 2.18
C GLY A 8 1.40 -1.38 1.81
N TYR A 9 0.80 -1.87 0.71
CA TYR A 9 1.03 -3.24 0.26
C TYR A 9 1.39 -3.29 -1.23
N LEU A 10 2.31 -4.21 -1.58
CA LEU A 10 2.81 -4.41 -2.97
C LEU A 10 3.62 -3.21 -3.50
N LEU A 11 3.82 -2.20 -2.66
CA LEU A 11 4.58 -1.00 -3.03
C LEU A 11 5.62 -0.65 -1.98
N GLY A 12 5.24 -0.76 -0.70
CA GLY A 12 6.14 -0.45 0.40
C GLY A 12 5.45 -0.42 1.74
N LYS A 13 6.22 -0.66 2.81
CA LYS A 13 5.69 -0.66 4.17
C LYS A 13 6.52 0.25 5.08
N LYS A 14 5.83 1.12 5.82
CA LYS A 14 6.49 2.05 6.73
C LYS A 14 5.86 1.97 8.12
N NH2 A 15 6.65 1.53 9.09
HN1 NH2 A 15 6.27 1.45 10.00
HN2 NH2 A 15 7.58 1.29 8.87
N GLY A 1 -7.54 9.12 -4.08
CA GLY A 1 -6.43 9.58 -3.21
C GLY A 1 -5.42 8.48 -2.95
N TRP A 2 -5.39 7.98 -1.71
CA TRP A 2 -4.48 6.93 -1.31
C TRP A 2 -5.23 5.77 -0.66
N THR A 3 -4.88 4.54 -1.08
CA THR A 3 -5.51 3.32 -0.55
C THR A 3 -4.70 2.76 0.62
N LEU A 4 -5.36 1.90 1.42
CA LEU A 4 -4.74 1.29 2.60
C LEU A 4 -4.03 -0.02 2.29
N ASN A 5 -4.70 -0.87 1.55
CA ASN A 5 -4.18 -2.19 1.15
C ASN A 5 -3.74 -2.23 -0.31
N SER A 6 -4.25 -1.29 -1.11
CA SER A 6 -3.94 -1.22 -2.54
C SER A 6 -2.74 -0.33 -2.84
N ALA A 7 -2.38 0.52 -1.88
CA ALA A 7 -1.24 1.43 -2.01
C ALA A 7 -0.04 0.96 -1.20
N GLY A 8 -0.31 0.33 -0.05
CA GLY A 8 0.75 -0.15 0.83
C GLY A 8 1.23 -1.56 0.50
N TYR A 9 0.64 -2.17 -0.54
CA TYR A 9 1.02 -3.54 -0.95
C TYR A 9 2.11 -3.51 -2.04
N LEU A 10 2.55 -2.30 -2.42
CA LEU A 10 3.60 -2.14 -3.44
C LEU A 10 4.99 -2.18 -2.83
N LEU A 11 5.07 -2.36 -1.50
CA LEU A 11 6.33 -2.42 -0.78
C LEU A 11 6.49 -3.74 -0.03
N GLY A 12 5.40 -4.18 0.62
CA GLY A 12 5.42 -5.43 1.37
C GLY A 12 4.54 -6.49 0.76
N LYS A 13 5.11 -7.68 0.54
CA LYS A 13 4.38 -8.81 -0.05
C LYS A 13 4.53 -10.06 0.80
N LYS A 14 3.45 -10.86 0.87
CA LYS A 14 3.44 -12.11 1.64
C LYS A 14 3.68 -13.32 0.74
N NH2 A 15 2.91 -13.41 -0.35
HN1 NH2 A 15 3.03 -14.18 -0.93
HN2 NH2 A 15 2.25 -12.71 -0.50
N GLY A 1 -1.95 9.10 -0.40
CA GLY A 1 -3.13 8.70 0.40
C GLY A 1 -4.35 8.45 -0.47
N TRP A 2 -4.44 7.24 -1.03
CA TRP A 2 -5.57 6.87 -1.89
C TRP A 2 -6.19 5.54 -1.45
N THR A 3 -5.34 4.57 -1.08
CA THR A 3 -5.79 3.26 -0.62
C THR A 3 -4.97 2.78 0.58
N LEU A 4 -5.59 1.92 1.40
CA LEU A 4 -4.96 1.39 2.61
C LEU A 4 -4.15 0.12 2.35
N ASN A 5 -4.75 -0.79 1.60
CA ASN A 5 -4.12 -2.07 1.25
C ASN A 5 -3.63 -2.10 -0.20
N SER A 6 -4.21 -1.23 -1.03
CA SER A 6 -3.87 -1.16 -2.45
C SER A 6 -2.71 -0.21 -2.73
N ALA A 7 -2.35 0.60 -1.73
CA ALA A 7 -1.24 1.55 -1.86
C ALA A 7 0.01 1.06 -1.10
N GLY A 8 -0.21 0.30 -0.03
CA GLY A 8 0.89 -0.22 0.78
C GLY A 8 1.34 -1.62 0.38
N TYR A 9 0.69 -2.20 -0.65
CA TYR A 9 1.04 -3.54 -1.14
C TYR A 9 2.16 -3.50 -2.20
N LEU A 10 2.67 -2.30 -2.49
CA LEU A 10 3.74 -2.10 -3.47
C LEU A 10 5.12 -2.25 -2.84
N LEU A 11 5.15 -2.53 -1.53
CA LEU A 11 6.41 -2.70 -0.79
C LEU A 11 6.74 -4.19 -0.61
N GLY A 12 5.71 -4.98 -0.26
CA GLY A 12 5.90 -6.41 -0.06
C GLY A 12 5.26 -7.24 -1.16
N LYS A 13 6.02 -7.47 -2.23
CA LYS A 13 5.54 -8.26 -3.37
C LYS A 13 6.07 -9.68 -3.32
N LYS A 14 7.35 -9.84 -2.97
CA LYS A 14 7.98 -11.15 -2.87
C LYS A 14 8.66 -11.32 -1.51
N NH2 A 15 8.16 -12.26 -0.71
HN1 NH2 A 15 8.58 -12.39 0.16
HN2 NH2 A 15 7.41 -12.79 -1.04
N GLY A 1 -5.34 10.76 -3.29
CA GLY A 1 -5.86 9.42 -3.66
C GLY A 1 -4.92 8.30 -3.28
N TRP A 2 -4.98 7.89 -2.00
CA TRP A 2 -4.12 6.81 -1.48
C TRP A 2 -4.97 5.75 -0.79
N THR A 3 -4.72 4.49 -1.15
CA THR A 3 -5.45 3.35 -0.57
C THR A 3 -4.69 2.76 0.62
N LEU A 4 -5.40 1.94 1.42
CA LEU A 4 -4.84 1.34 2.62
C LEU A 4 -4.10 0.02 2.34
N ASN A 5 -4.75 -0.83 1.55
CA ASN A 5 -4.21 -2.14 1.19
C ASN A 5 -3.69 -2.18 -0.26
N SER A 6 -4.30 -1.34 -1.11
CA SER A 6 -3.95 -1.29 -2.53
C SER A 6 -2.75 -0.37 -2.81
N ALA A 7 -2.40 0.47 -1.85
CA ALA A 7 -1.27 1.39 -1.99
C ALA A 7 -0.06 0.94 -1.18
N GLY A 8 -0.32 0.28 -0.05
CA GLY A 8 0.76 -0.19 0.82
C GLY A 8 1.25 -1.59 0.48
N TYR A 9 0.67 -2.20 -0.55
CA TYR A 9 1.06 -3.55 -0.98
C TYR A 9 2.15 -3.51 -2.08
N LEU A 10 2.58 -2.30 -2.43
CA LEU A 10 3.62 -2.11 -3.46
C LEU A 10 5.03 -2.14 -2.84
N LEU A 11 5.09 -2.34 -1.53
CA LEU A 11 6.36 -2.39 -0.80
C LEU A 11 6.80 -3.84 -0.55
N GLY A 12 5.84 -4.69 -0.15
CA GLY A 12 6.14 -6.09 0.12
C GLY A 12 4.89 -6.95 0.17
N LYS A 13 4.95 -8.12 -0.45
CA LYS A 13 3.82 -9.05 -0.48
C LYS A 13 3.98 -10.16 0.57
N LYS A 14 5.20 -10.69 0.69
CA LYS A 14 5.51 -11.76 1.64
C LYS A 14 6.73 -11.39 2.49
N NH2 A 15 6.52 -11.24 3.79
HN1 NH2 A 15 7.28 -10.99 4.36
HN2 NH2 A 15 5.60 -11.37 4.13
N GLY A 1 -3.43 9.17 3.05
CA GLY A 1 -2.90 8.35 1.92
C GLY A 1 -3.82 8.35 0.71
N TRP A 2 -3.78 7.27 -0.06
CA TRP A 2 -4.61 7.12 -1.26
C TRP A 2 -5.37 5.80 -1.26
N THR A 3 -4.70 4.71 -0.82
CA THR A 3 -5.30 3.39 -0.76
C THR A 3 -4.91 2.65 0.52
N LEU A 4 -5.74 1.68 0.91
CA LEU A 4 -5.53 0.91 2.14
C LEU A 4 -4.61 -0.30 1.93
N ASN A 5 -4.90 -1.06 0.89
CA ASN A 5 -4.14 -2.26 0.54
C ASN A 5 -3.22 -2.05 -0.66
N SER A 6 -3.53 -1.02 -1.46
CA SER A 6 -2.76 -0.71 -2.67
C SER A 6 -1.60 0.25 -2.39
N ALA A 7 -1.61 0.87 -1.20
CA ALA A 7 -0.56 1.81 -0.81
C ALA A 7 0.41 1.19 0.20
N GLY A 8 -0.13 0.33 1.08
CA GLY A 8 0.69 -0.33 2.10
C GLY A 8 1.23 -1.68 1.66
N TYR A 9 0.87 -2.11 0.45
CA TYR A 9 1.31 -3.39 -0.08
C TYR A 9 1.79 -3.27 -1.53
N LEU A 10 2.73 -4.16 -1.91
CA LEU A 10 3.32 -4.21 -3.27
C LEU A 10 4.18 -2.97 -3.62
N LEU A 11 4.26 -2.01 -2.68
CA LEU A 11 5.04 -0.79 -2.88
C LEU A 11 5.96 -0.51 -1.69
N GLY A 12 5.43 -0.71 -0.48
CA GLY A 12 6.22 -0.47 0.73
C GLY A 12 5.45 -0.85 1.99
N LYS A 13 5.99 -1.83 2.73
CA LYS A 13 5.36 -2.30 3.97
C LYS A 13 6.39 -2.29 5.11
N LYS A 14 5.99 -1.69 6.24
CA LYS A 14 6.85 -1.61 7.42
C LYS A 14 6.27 -2.43 8.57
N NH2 A 15 7.00 -3.47 8.98
HN1 NH2 A 15 6.65 -4.01 9.71
HN2 NH2 A 15 7.85 -3.64 8.53
N GLY A 1 -1.20 8.74 1.17
CA GLY A 1 -2.37 7.94 1.60
C GLY A 1 -3.50 7.95 0.59
N TRP A 2 -3.33 7.18 -0.49
CA TRP A 2 -4.32 7.09 -1.56
C TRP A 2 -5.20 5.84 -1.40
N THR A 3 -4.57 4.72 -1.03
CA THR A 3 -5.28 3.45 -0.84
C THR A 3 -4.88 2.78 0.47
N LEU A 4 -5.72 1.87 0.95
CA LEU A 4 -5.50 1.16 2.22
C LEU A 4 -4.65 -0.10 2.06
N ASN A 5 -5.01 -0.91 1.08
CA ASN A 5 -4.32 -2.17 0.79
C ASN A 5 -3.44 -2.08 -0.47
N SER A 6 -3.73 -1.10 -1.31
CA SER A 6 -3.00 -0.89 -2.56
C SER A 6 -1.78 0.02 -2.38
N ALA A 7 -1.73 0.72 -1.25
CA ALA A 7 -0.62 1.63 -0.92
C ALA A 7 0.38 0.98 0.03
N GLY A 8 -0.14 0.17 0.96
CA GLY A 8 0.71 -0.52 1.94
C GLY A 8 1.23 -1.86 1.45
N TYR A 9 0.86 -2.24 0.22
CA TYR A 9 1.28 -3.51 -0.35
C TYR A 9 1.88 -3.32 -1.75
N LEU A 10 2.91 -4.13 -2.06
CA LEU A 10 3.63 -4.08 -3.36
C LEU A 10 4.37 -2.75 -3.58
N LEU A 11 4.49 -1.96 -2.52
CA LEU A 11 5.18 -0.65 -2.59
C LEU A 11 6.37 -0.61 -1.62
N GLY A 12 6.16 -1.12 -0.40
CA GLY A 12 7.22 -1.14 0.60
C GLY A 12 6.67 -1.16 2.01
N LYS A 13 6.84 -2.32 2.68
CA LYS A 13 6.37 -2.50 4.06
C LYS A 13 7.51 -2.35 5.05
N LYS A 14 7.20 -1.79 6.22
CA LYS A 14 8.19 -1.57 7.28
C LYS A 14 7.71 -2.14 8.61
N NH2 A 15 8.40 -3.16 9.11
HN1 NH2 A 15 8.11 -3.55 9.95
HN2 NH2 A 15 9.19 -3.46 8.61
N GLY A 1 -5.87 10.29 -4.54
CA GLY A 1 -6.27 9.48 -3.35
C GLY A 1 -5.30 8.36 -3.05
N TRP A 2 -5.24 7.97 -1.78
CA TRP A 2 -4.35 6.89 -1.33
C TRP A 2 -5.15 5.78 -0.67
N THR A 3 -4.84 4.53 -1.07
CA THR A 3 -5.51 3.35 -0.52
C THR A 3 -4.72 2.75 0.64
N LEU A 4 -5.38 1.90 1.43
CA LEU A 4 -4.77 1.27 2.62
C LEU A 4 -4.02 -0.02 2.28
N ASN A 5 -4.70 -0.89 1.56
CA ASN A 5 -4.13 -2.20 1.17
C ASN A 5 -3.72 -2.25 -0.31
N SER A 6 -4.22 -1.28 -1.09
CA SER A 6 -3.92 -1.22 -2.53
C SER A 6 -2.73 -0.30 -2.84
N ALA A 7 -2.38 0.54 -1.88
CA ALA A 7 -1.26 1.47 -2.03
C ALA A 7 -0.04 1.02 -1.23
N GLY A 8 -0.30 0.35 -0.10
CA GLY A 8 0.77 -0.13 0.77
C GLY A 8 1.25 -1.53 0.43
N TYR A 9 0.61 -2.18 -0.56
CA TYR A 9 0.98 -3.53 -0.98
C TYR A 9 2.09 -3.51 -2.06
N LEU A 10 2.55 -2.30 -2.42
CA LEU A 10 3.61 -2.14 -3.43
C LEU A 10 5.01 -2.18 -2.79
N LEU A 11 5.06 -2.41 -1.48
CA LEU A 11 6.32 -2.47 -0.73
C LEU A 11 6.78 -3.92 -0.55
N GLY A 12 5.83 -4.80 -0.20
CA GLY A 12 6.13 -6.21 0.01
C GLY A 12 5.22 -6.86 1.02
N LYS A 13 4.97 -8.16 0.84
CA LYS A 13 4.10 -8.94 1.73
C LYS A 13 4.90 -9.99 2.48
N LYS A 14 4.47 -10.27 3.72
CA LYS A 14 5.13 -11.27 4.57
C LYS A 14 4.38 -12.59 4.55
N NH2 A 15 3.07 -12.55 4.78
HN1 NH2 A 15 2.57 -13.39 4.77
HN2 NH2 A 15 2.66 -11.68 4.95
N GLY A 1 -1.98 6.35 2.65
CA GLY A 1 -1.71 7.42 1.65
C GLY A 1 -2.85 7.59 0.66
N TRP A 2 -2.78 6.85 -0.45
CA TRP A 2 -3.80 6.91 -1.49
C TRP A 2 -4.80 5.75 -1.37
N THR A 3 -4.33 4.60 -0.88
CA THR A 3 -5.18 3.42 -0.71
C THR A 3 -4.83 2.70 0.60
N LEU A 4 -5.70 1.76 1.01
CA LEU A 4 -5.50 1.00 2.26
C LEU A 4 -4.64 -0.25 2.04
N ASN A 5 -5.02 -1.02 1.04
CA ASN A 5 -4.31 -2.27 0.70
C ASN A 5 -3.46 -2.13 -0.58
N SER A 6 -3.74 -1.09 -1.37
CA SER A 6 -3.02 -0.85 -2.63
C SER A 6 -1.85 0.11 -2.44
N ALA A 7 -1.80 0.80 -1.30
CA ALA A 7 -0.74 1.75 -0.99
C ALA A 7 0.29 1.15 -0.04
N GLY A 8 -0.20 0.33 0.91
CA GLY A 8 0.68 -0.30 1.90
C GLY A 8 1.21 -1.65 1.45
N TYR A 9 0.83 -2.09 0.23
CA TYR A 9 1.27 -3.38 -0.30
C TYR A 9 1.86 -3.22 -1.70
N LEU A 10 2.83 -4.11 -2.01
CA LEU A 10 3.53 -4.13 -3.32
C LEU A 10 4.35 -2.85 -3.58
N LEU A 11 4.60 -2.08 -2.51
CA LEU A 11 5.36 -0.84 -2.59
C LEU A 11 6.66 -0.94 -1.79
N GLY A 12 6.59 -1.52 -0.59
CA GLY A 12 7.75 -1.69 0.25
C GLY A 12 7.42 -1.63 1.73
N LYS A 13 7.40 -2.80 2.37
CA LYS A 13 7.10 -2.92 3.80
C LYS A 13 8.38 -3.05 4.62
N LYS A 14 8.37 -2.50 5.83
CA LYS A 14 9.52 -2.55 6.73
C LYS A 14 9.32 -3.62 7.80
N NH2 A 15 10.16 -4.66 7.76
HN1 NH2 A 15 10.05 -5.37 8.42
HN2 NH2 A 15 10.84 -4.66 7.07
N GLY A 1 -3.77 9.19 2.97
CA GLY A 1 -3.10 8.55 1.81
C GLY A 1 -3.99 8.48 0.59
N TRP A 2 -3.90 7.38 -0.15
CA TRP A 2 -4.70 7.17 -1.37
C TRP A 2 -5.42 5.81 -1.34
N THR A 3 -4.70 4.78 -0.89
CA THR A 3 -5.27 3.43 -0.79
C THR A 3 -4.83 2.74 0.49
N LEU A 4 -5.66 1.80 0.96
CA LEU A 4 -5.42 1.06 2.20
C LEU A 4 -4.58 -0.20 1.99
N ASN A 5 -4.95 -0.96 0.98
CA ASN A 5 -4.27 -2.21 0.64
C ASN A 5 -3.39 -2.07 -0.62
N SER A 6 -3.65 -1.02 -1.40
CA SER A 6 -2.92 -0.77 -2.64
C SER A 6 -1.70 0.14 -2.42
N ALA A 7 -1.64 0.78 -1.25
CA ALA A 7 -0.54 1.68 -0.91
C ALA A 7 0.44 1.03 0.06
N GLY A 8 -0.08 0.22 0.99
CA GLY A 8 0.75 -0.46 1.97
C GLY A 8 1.24 -1.83 1.53
N TYR A 9 0.85 -2.24 0.31
CA TYR A 9 1.25 -3.54 -0.23
C TYR A 9 1.83 -3.40 -1.64
N LEU A 10 2.89 -4.18 -1.91
CA LEU A 10 3.61 -4.19 -3.21
C LEU A 10 4.34 -2.86 -3.50
N LEU A 11 4.23 -1.90 -2.57
CA LEU A 11 4.88 -0.59 -2.70
C LEU A 11 5.57 -0.17 -1.41
N GLY A 12 4.89 -0.41 -0.28
CA GLY A 12 5.44 -0.05 1.03
C GLY A 12 5.25 -1.15 2.05
N LYS A 13 6.18 -2.12 2.06
CA LYS A 13 6.13 -3.25 2.98
C LYS A 13 7.09 -3.04 4.15
N LYS A 14 6.69 -3.50 5.34
CA LYS A 14 7.50 -3.37 6.54
C LYS A 14 7.67 -4.72 7.24
N NH2 A 15 6.56 -5.41 7.48
HN1 NH2 A 15 6.64 -6.28 7.92
HN2 NH2 A 15 5.70 -5.02 7.20
N GLY A 1 -3.59 11.03 -2.01
CA GLY A 1 -3.76 9.83 -2.88
C GLY A 1 -3.10 8.60 -2.31
N TRP A 2 -3.64 8.09 -1.21
CA TRP A 2 -3.11 6.90 -0.54
C TRP A 2 -4.21 5.87 -0.32
N THR A 3 -3.95 4.63 -0.77
CA THR A 3 -4.90 3.53 -0.63
C THR A 3 -4.62 2.70 0.63
N LEU A 4 -5.58 1.84 0.99
CA LEU A 4 -5.48 1.00 2.19
C LEU A 4 -4.61 -0.24 1.97
N ASN A 5 -4.98 -1.01 0.96
CA ASN A 5 -4.28 -2.24 0.62
C ASN A 5 -3.39 -2.10 -0.62
N SER A 6 -3.73 -1.15 -1.49
CA SER A 6 -2.99 -0.90 -2.72
C SER A 6 -1.77 0.00 -2.53
N ALA A 7 -1.69 0.67 -1.38
CA ALA A 7 -0.58 1.56 -1.07
C ALA A 7 0.38 0.94 -0.06
N GLY A 8 -0.18 0.24 0.94
CA GLY A 8 0.64 -0.40 1.98
C GLY A 8 1.16 -1.78 1.58
N TYR A 9 0.82 -2.21 0.35
CA TYR A 9 1.26 -3.51 -0.16
C TYR A 9 1.81 -3.38 -1.57
N LEU A 10 2.92 -4.11 -1.84
CA LEU A 10 3.62 -4.13 -3.16
C LEU A 10 4.29 -2.77 -3.48
N LEU A 11 4.19 -1.81 -2.55
CA LEU A 11 4.78 -0.49 -2.73
C LEU A 11 5.56 -0.06 -1.48
N GLY A 12 4.99 -0.32 -0.30
CA GLY A 12 5.64 0.04 0.95
C GLY A 12 4.76 -0.22 2.15
N LYS A 13 5.31 -0.92 3.15
CA LYS A 13 4.58 -1.25 4.37
C LYS A 13 4.97 -0.31 5.51
N LYS A 14 3.99 0.02 6.36
CA LYS A 14 4.20 0.92 7.49
C LYS A 14 4.36 0.13 8.79
N NH2 A 15 5.54 0.22 9.40
HN1 NH2 A 15 5.68 -0.29 10.22
HN2 NH2 A 15 6.23 0.78 8.98
N GLY A 1 -5.59 11.08 -1.16
CA GLY A 1 -5.61 9.88 -2.04
C GLY A 1 -4.67 8.78 -1.54
N TRP A 2 -5.14 8.01 -0.56
CA TRP A 2 -4.35 6.92 0.02
C TRP A 2 -5.15 5.61 0.01
N THR A 3 -4.49 4.55 -0.47
CA THR A 3 -5.11 3.22 -0.53
C THR A 3 -4.67 2.36 0.65
N LEU A 4 -5.42 1.28 0.90
CA LEU A 4 -5.14 0.38 2.02
C LEU A 4 -4.21 -0.77 1.64
N ASN A 5 -4.50 -1.38 0.51
CA ASN A 5 -3.72 -2.53 0.00
C ASN A 5 -2.84 -2.12 -1.19
N SER A 6 -3.12 -0.96 -1.78
CA SER A 6 -2.40 -0.47 -2.94
C SER A 6 -1.30 0.54 -2.56
N ALA A 7 -1.37 1.06 -1.35
CA ALA A 7 -0.40 2.05 -0.86
C ALA A 7 0.59 1.43 0.14
N GLY A 8 0.04 0.73 1.15
CA GLY A 8 0.87 0.10 2.18
C GLY A 8 1.26 -1.33 1.85
N TYR A 9 0.69 -1.87 0.78
CA TYR A 9 0.96 -3.25 0.35
C TYR A 9 1.30 -3.30 -1.14
N LEU A 10 2.29 -4.14 -1.48
CA LEU A 10 2.78 -4.33 -2.89
C LEU A 10 3.42 -3.05 -3.47
N LEU A 11 3.64 -2.05 -2.59
CA LEU A 11 4.25 -0.78 -3.00
C LEU A 11 5.42 -0.42 -2.08
N GLY A 12 5.23 -0.61 -0.77
CA GLY A 12 6.27 -0.31 0.20
C GLY A 12 6.30 -1.30 1.34
N LYS A 13 6.43 -2.59 1.00
CA LYS A 13 6.47 -3.66 1.99
C LYS A 13 7.92 -4.11 2.25
N LYS A 14 8.68 -4.27 1.16
CA LYS A 14 10.09 -4.70 1.24
C LYS A 14 10.99 -3.75 0.47
N NH2 A 15 11.88 -3.07 1.18
HN1 NH2 A 15 12.48 -2.45 0.71
HN2 NH2 A 15 11.92 -3.22 2.15
N GLY A 1 -1.10 9.01 1.20
CA GLY A 1 -2.38 8.34 1.55
C GLY A 1 -3.38 8.37 0.41
N TRP A 2 -3.45 7.25 -0.33
CA TRP A 2 -4.37 7.12 -1.46
C TRP A 2 -5.21 5.84 -1.36
N THR A 3 -4.56 4.74 -0.94
CA THR A 3 -5.24 3.46 -0.79
C THR A 3 -4.81 2.76 0.51
N LEU A 4 -5.66 1.84 0.98
CA LEU A 4 -5.43 1.11 2.23
C LEU A 4 -4.59 -0.16 2.02
N ASN A 5 -4.97 -0.94 1.03
CA ASN A 5 -4.29 -2.20 0.71
C ASN A 5 -3.41 -2.08 -0.55
N SER A 6 -3.70 -1.07 -1.36
CA SER A 6 -2.97 -0.84 -2.61
C SER A 6 -1.74 0.07 -2.43
N ALA A 7 -1.69 0.75 -1.28
CA ALA A 7 -0.58 1.65 -0.96
C ALA A 7 0.40 1.01 0.01
N GLY A 8 -0.12 0.19 0.93
CA GLY A 8 0.71 -0.48 1.93
C GLY A 8 1.20 -1.85 1.47
N TYR A 9 0.83 -2.26 0.26
CA TYR A 9 1.25 -3.55 -0.29
C TYR A 9 1.84 -3.38 -1.68
N LEU A 10 2.92 -4.16 -1.96
CA LEU A 10 3.64 -4.14 -3.25
C LEU A 10 4.34 -2.78 -3.52
N LEU A 11 4.36 -1.91 -2.51
CA LEU A 11 4.97 -0.59 -2.62
C LEU A 11 5.95 -0.34 -1.46
N GLY A 12 5.51 -0.70 -0.24
CA GLY A 12 6.33 -0.52 0.94
C GLY A 12 5.54 -0.70 2.22
N LYS A 13 5.83 -1.78 2.96
CA LYS A 13 5.14 -2.08 4.21
C LYS A 13 6.02 -1.68 5.41
N LYS A 14 5.37 -1.21 6.47
CA LYS A 14 6.07 -0.79 7.69
C LYS A 14 5.51 -1.51 8.92
N NH2 A 15 6.35 -2.33 9.55
HN1 NH2 A 15 6.02 -2.82 10.34
HN2 NH2 A 15 7.26 -2.41 9.21
N GLY A 1 -4.86 10.69 -3.94
CA GLY A 1 -5.60 9.43 -3.62
C GLY A 1 -4.68 8.29 -3.24
N TRP A 2 -4.74 7.88 -1.97
CA TRP A 2 -3.92 6.79 -1.46
C TRP A 2 -4.79 5.73 -0.77
N THR A 3 -4.52 4.46 -1.10
CA THR A 3 -5.27 3.34 -0.52
C THR A 3 -4.52 2.74 0.67
N LEU A 4 -5.23 1.88 1.44
CA LEU A 4 -4.65 1.25 2.62
C LEU A 4 -3.96 -0.07 2.30
N ASN A 5 -4.66 -0.91 1.57
CA ASN A 5 -4.15 -2.23 1.17
C ASN A 5 -3.76 -2.28 -0.31
N SER A 6 -4.27 -1.33 -1.10
CA SER A 6 -3.97 -1.28 -2.54
C SER A 6 -2.79 -0.36 -2.86
N ALA A 7 -2.47 0.53 -1.92
CA ALA A 7 -1.36 1.47 -2.09
C ALA A 7 -0.16 1.06 -1.24
N GLY A 8 -0.42 0.33 -0.15
CA GLY A 8 0.64 -0.12 0.75
C GLY A 8 1.16 -1.51 0.44
N TYR A 9 0.57 -2.17 -0.57
CA TYR A 9 0.98 -3.53 -0.97
C TYR A 9 2.09 -3.51 -2.04
N LEU A 10 2.53 -2.29 -2.41
CA LEU A 10 3.59 -2.11 -3.40
C LEU A 10 4.99 -2.15 -2.77
N LEU A 11 5.03 -2.32 -1.44
CA LEU A 11 6.29 -2.37 -0.70
C LEU A 11 6.71 -3.82 -0.42
N GLY A 12 5.73 -4.66 -0.03
CA GLY A 12 6.01 -6.05 0.27
C GLY A 12 4.90 -6.71 1.07
N LYS A 13 4.71 -8.01 0.85
CA LYS A 13 3.67 -8.78 1.55
C LYS A 13 4.26 -9.57 2.73
N LYS A 14 5.43 -10.17 2.51
CA LYS A 14 6.11 -10.96 3.55
C LYS A 14 7.52 -10.41 3.81
N NH2 A 15 7.74 -9.92 5.01
HN1 NH2 A 15 8.63 -9.55 5.20
HN2 NH2 A 15 7.01 -9.93 5.67
#